data_3VHH
#
_entry.id   3VHH
#
_cell.length_a   129.967
_cell.length_b   73.510
_cell.length_c   81.473
_cell.angle_alpha   90.00
_cell.angle_beta   119.64
_cell.angle_gamma   90.00
#
_symmetry.space_group_name_H-M   'C 1 2 1'
#
loop_
_entity.id
_entity.type
_entity.pdbx_description
1 polymer Avidin
2 non-polymer '5-[(3aS,4S,6aR)-1,3-dimethyl-2-oxohexahydro-1H-thieno[3,4-d]imidazol-4-yl]pentanoic acid'
3 non-polymer 2-acetamido-2-deoxy-beta-D-glucopyranose
4 non-polymer 'SULFATE ION'
5 water water
#
_entity_poly.entity_id   1
_entity_poly.type   'polypeptide(L)'
_entity_poly.pdbx_seq_one_letter_code
;ARKCSLTGKWTNDLGSNMTIGAVNSRGEFTGTYITAVTATSNEIKESPLHGTQNTINKRTQPTFGFTVNWKFSESTTVFT
GQCFIDRNGKEVLKTMWLLRSSVNDIGDDWKATRVGINIFTRL
;
_entity_poly.pdbx_strand_id   A,B,C,D
#
# COMPACT_ATOMS: atom_id res chain seq x y z
N ALA A 1 -30.88 0.95 0.48
CA ALA A 1 -31.12 2.43 0.30
C ALA A 1 -30.89 2.85 -1.18
N ARG A 2 -30.60 4.14 -1.41
CA ARG A 2 -30.32 4.63 -2.75
C ARG A 2 -29.25 3.75 -3.46
N LYS A 3 -29.27 3.74 -4.78
CA LYS A 3 -28.17 3.24 -5.53
C LYS A 3 -27.08 4.33 -5.51
N CYS A 4 -25.91 3.95 -5.01
CA CYS A 4 -24.70 4.76 -5.11
C CYS A 4 -24.16 4.57 -6.50
N SER A 5 -24.08 5.65 -7.22
CA SER A 5 -23.68 5.67 -8.60
C SER A 5 -22.38 6.52 -8.71
N LEU A 6 -21.47 6.16 -9.60
CA LEU A 6 -20.27 6.96 -9.79
C LEU A 6 -20.47 8.14 -10.68
N THR A 7 -21.55 8.09 -11.48
CA THR A 7 -21.74 9.11 -12.50
C THR A 7 -21.92 10.44 -11.83
N GLY A 8 -21.16 11.45 -12.25
CA GLY A 8 -21.33 12.74 -11.66
C GLY A 8 -20.03 13.47 -11.43
N LYS A 9 -20.14 14.60 -10.75
CA LYS A 9 -19.02 15.41 -10.47
C LYS A 9 -18.59 15.26 -8.99
N TRP A 10 -17.31 14.98 -8.76
CA TRP A 10 -16.81 14.77 -7.39
C TRP A 10 -15.64 15.67 -7.07
N THR A 11 -15.38 15.84 -5.77
CA THR A 11 -14.20 16.54 -5.26
C THR A 11 -13.54 15.75 -4.13
N ASN A 12 -12.27 16.07 -3.84
CA ASN A 12 -11.55 15.54 -2.62
C ASN A 12 -10.92 16.63 -1.68
N ASP A 13 -10.06 16.21 -0.74
CA ASP A 13 -9.40 17.06 0.27
C ASP A 13 -8.29 17.88 -0.32
N LEU A 14 -7.77 17.39 -1.43
CA LEU A 14 -6.59 17.92 -2.04
C LEU A 14 -6.98 19.07 -2.98
N GLY A 15 -8.30 19.23 -3.09
CA GLY A 15 -8.93 20.12 -4.05
C GLY A 15 -9.10 19.61 -5.47
N SER A 16 -8.73 18.35 -5.76
CA SER A 16 -9.00 17.75 -7.09
C SER A 16 -10.49 17.62 -7.37
N ASN A 17 -10.89 17.72 -8.63
CA ASN A 17 -12.26 17.50 -9.01
C ASN A 17 -12.28 16.45 -10.08
N MET A 18 -13.30 15.63 -10.17
CA MET A 18 -13.37 14.73 -11.26
C MET A 18 -14.80 14.56 -11.63
N THR A 19 -15.00 14.28 -12.90
CA THR A 19 -16.30 14.09 -13.48
C THR A 19 -16.27 12.71 -14.10
N ILE A 20 -17.21 11.83 -13.71
CA ILE A 20 -17.39 10.54 -14.35
C ILE A 20 -18.69 10.58 -15.16
N GLY A 21 -18.65 10.10 -16.41
CA GLY A 21 -19.83 10.08 -17.25
C GLY A 21 -20.65 8.87 -16.88
N ALA A 22 -21.48 8.45 -17.82
CA ALA A 22 -22.42 7.40 -17.63
C ALA A 22 -21.72 6.04 -17.57
N VAL A 23 -22.23 5.17 -16.71
CA VAL A 23 -21.77 3.82 -16.61
C VAL A 23 -22.55 2.98 -17.64
N ASN A 24 -21.80 2.28 -18.52
CA ASN A 24 -22.47 1.48 -19.58
C ASN A 24 -22.77 0.08 -19.11
N SER A 25 -23.33 -0.74 -19.98
CA SER A 25 -23.87 -2.08 -19.60
C SER A 25 -22.75 -2.98 -19.10
N ARG A 26 -21.56 -2.79 -19.68
CA ARG A 26 -20.33 -3.48 -19.23
C ARG A 26 -19.73 -2.90 -17.93
N GLY A 27 -20.39 -1.90 -17.34
CA GLY A 27 -19.82 -1.25 -16.14
C GLY A 27 -18.64 -0.30 -16.45
N GLU A 28 -18.40 0.00 -17.73
CA GLU A 28 -17.33 0.96 -18.07
C GLU A 28 -17.71 2.41 -17.98
N PHE A 29 -16.81 3.24 -17.52
CA PHE A 29 -17.06 4.67 -17.55
C PHE A 29 -15.75 5.37 -17.89
N THR A 30 -15.91 6.61 -18.36
CA THR A 30 -14.81 7.47 -18.77
C THR A 30 -15.03 8.74 -18.02
N GLY A 31 -14.00 9.57 -17.85
CA GLY A 31 -14.16 10.81 -17.12
C GLY A 31 -12.96 11.75 -17.24
N THR A 32 -12.93 12.78 -16.42
CA THR A 32 -11.81 13.75 -16.48
C THR A 32 -11.39 13.99 -15.07
N TYR A 33 -10.10 14.24 -14.91
CA TYR A 33 -9.58 14.49 -13.59
C TYR A 33 -8.79 15.82 -13.61
N ILE A 34 -9.21 16.76 -12.74
CA ILE A 34 -8.52 18.06 -12.63
C ILE A 34 -8.02 18.26 -11.18
N THR A 35 -6.73 18.30 -11.10
CA THR A 35 -6.01 18.29 -9.86
C THR A 35 -5.59 19.72 -9.42
N ALA A 36 -5.56 19.96 -8.11
CA ALA A 36 -5.10 21.28 -7.61
C ALA A 36 -3.67 21.26 -7.03
N VAL A 37 -3.04 20.08 -7.02
CA VAL A 37 -1.64 19.92 -6.59
C VAL A 37 -1.00 18.72 -7.31
N THR A 38 0.32 18.68 -7.37
CA THR A 38 1.02 17.59 -8.00
C THR A 38 2.28 17.16 -7.23
N ALA A 39 2.99 16.19 -7.80
CA ALA A 39 4.29 15.81 -7.37
C ALA A 39 5.28 16.00 -8.54
N THR A 40 4.91 16.86 -9.49
CA THR A 40 5.85 17.34 -10.52
C THR A 40 6.09 18.84 -10.52
N SER A 41 7.02 19.23 -11.38
CA SER A 41 7.09 20.59 -11.82
C SER A 41 6.76 20.64 -13.32
N ASN A 42 5.46 20.51 -13.62
CA ASN A 42 4.86 21.01 -14.88
C ASN A 42 3.53 21.82 -14.56
N GLU A 43 2.84 22.30 -15.59
CA GLU A 43 1.55 22.93 -15.32
C GLU A 43 0.46 21.87 -15.51
N ILE A 44 -0.51 21.90 -14.61
CA ILE A 44 -1.67 21.01 -14.59
C ILE A 44 -2.56 21.12 -15.84
N LYS A 45 -2.69 20.00 -16.56
CA LYS A 45 -3.72 19.83 -17.58
C LYS A 45 -4.86 18.99 -17.00
N GLU A 46 -6.08 19.16 -17.51
CA GLU A 46 -7.15 18.22 -17.22
C GLU A 46 -6.66 16.88 -17.76
N SER A 47 -6.93 15.79 -17.03
CA SER A 47 -6.55 14.46 -17.52
C SER A 47 -7.75 13.54 -17.61
N PRO A 48 -7.75 12.62 -18.61
CA PRO A 48 -8.74 11.60 -18.78
C PRO A 48 -8.55 10.44 -17.79
N LEU A 49 -9.64 9.88 -17.33
CA LEU A 49 -9.62 8.66 -16.56
C LEU A 49 -10.53 7.69 -17.32
N HIS A 50 -10.29 6.39 -17.10
CA HIS A 50 -11.23 5.35 -17.49
C HIS A 50 -11.26 4.24 -16.46
N GLY A 51 -12.42 3.66 -16.21
CA GLY A 51 -12.44 2.52 -15.32
C GLY A 51 -13.65 1.65 -15.44
N THR A 52 -13.91 0.88 -14.39
CA THR A 52 -15.11 0.07 -14.32
C THR A 52 -15.66 0.06 -12.88
N GLN A 53 -16.98 -0.12 -12.79
CA GLN A 53 -17.66 -0.47 -11.54
C GLN A 53 -17.95 -1.97 -11.63
N ASN A 54 -17.90 -2.69 -10.51
CA ASN A 54 -18.21 -4.08 -10.53
C ASN A 54 -19.74 -4.25 -10.43
N THR A 55 -20.34 -5.04 -11.33
CA THR A 55 -21.81 -5.13 -11.32
C THR A 55 -22.33 -6.51 -10.92
N ILE A 56 -21.48 -7.42 -10.49
CA ILE A 56 -21.87 -8.73 -9.97
C ILE A 56 -22.77 -8.58 -8.76
N ASN A 57 -23.86 -9.34 -8.76
CA ASN A 57 -24.99 -9.23 -7.79
C ASN A 57 -25.62 -7.83 -7.80
N LYS A 58 -25.24 -6.99 -8.77
CA LYS A 58 -25.86 -5.66 -8.89
C LYS A 58 -25.90 -4.96 -7.54
N ARG A 59 -24.78 -4.94 -6.81
CA ARG A 59 -24.76 -4.32 -5.48
C ARG A 59 -25.06 -2.88 -5.58
N THR A 60 -25.75 -2.36 -4.58
CA THR A 60 -26.07 -0.94 -4.56
C THR A 60 -24.86 -0.14 -4.13
N GLN A 61 -23.90 -0.76 -3.46
CA GLN A 61 -22.66 -0.08 -3.10
C GLN A 61 -21.46 -0.80 -3.78
N PRO A 62 -21.32 -0.58 -5.09
CA PRO A 62 -20.39 -1.41 -5.85
C PRO A 62 -18.91 -1.08 -5.66
N THR A 63 -18.01 -2.03 -5.90
CA THR A 63 -16.63 -1.63 -5.89
C THR A 63 -16.36 -1.13 -7.23
N PHE A 64 -15.23 -0.42 -7.37
CA PHE A 64 -14.79 0.01 -8.68
C PHE A 64 -13.26 0.24 -8.80
N GLY A 65 -12.74 0.46 -10.02
CA GLY A 65 -11.36 0.86 -10.24
C GLY A 65 -11.27 1.80 -11.43
N PHE A 66 -10.28 2.72 -11.42
CA PHE A 66 -10.04 3.52 -12.59
C PHE A 66 -8.59 3.97 -12.71
N THR A 67 -8.20 4.32 -13.92
CA THR A 67 -6.83 4.74 -14.20
C THR A 67 -6.87 6.24 -14.63
N VAL A 68 -6.01 7.08 -14.09
CA VAL A 68 -5.89 8.51 -14.51
C VAL A 68 -4.62 8.59 -15.35
N ASN A 69 -4.79 8.83 -16.64
CA ASN A 69 -3.69 8.86 -17.59
C ASN A 69 -3.15 10.28 -17.63
N TRP A 70 -2.27 10.64 -16.68
CA TRP A 70 -1.85 12.04 -16.46
C TRP A 70 -1.37 12.65 -17.76
N LYS A 71 -1.93 13.80 -18.11
CA LYS A 71 -1.55 14.45 -19.39
C LYS A 71 -0.34 15.42 -19.27
N PHE A 72 0.27 15.52 -18.08
CA PHE A 72 1.31 16.53 -17.79
C PHE A 72 2.46 15.97 -16.95
N SER A 73 2.74 14.69 -17.14
CA SER A 73 3.58 13.90 -16.28
C SER A 73 3.66 12.55 -16.95
N GLU A 74 4.72 11.80 -16.69
CA GLU A 74 4.89 10.53 -17.33
C GLU A 74 4.29 9.42 -16.49
N SER A 75 3.62 9.85 -15.41
CA SER A 75 3.02 9.02 -14.35
C SER A 75 1.65 8.44 -14.64
N THR A 76 1.29 7.47 -13.82
CA THR A 76 -0.07 6.93 -13.85
C THR A 76 -0.51 6.75 -12.41
N THR A 77 -1.70 7.26 -12.10
CA THR A 77 -2.42 6.90 -10.87
C THR A 77 -3.59 5.87 -11.07
N VAL A 78 -3.65 4.85 -10.26
CA VAL A 78 -4.87 4.04 -10.22
C VAL A 78 -5.62 4.22 -8.89
N PHE A 79 -6.95 4.10 -8.92
CA PHE A 79 -7.81 4.26 -7.78
C PHE A 79 -8.69 3.02 -7.74
N THR A 80 -8.94 2.52 -6.53
CA THR A 80 -9.94 1.50 -6.38
C THR A 80 -10.76 1.74 -5.11
N GLY A 81 -12.04 1.34 -5.08
CA GLY A 81 -12.84 1.61 -3.94
C GLY A 81 -14.26 1.14 -4.01
N GLN A 82 -15.12 1.73 -3.17
CA GLN A 82 -16.47 1.34 -3.06
C GLN A 82 -17.30 2.61 -2.93
N CYS A 83 -18.41 2.66 -3.64
CA CYS A 83 -19.32 3.82 -3.63
C CYS A 83 -20.25 3.55 -2.47
N PHE A 84 -20.19 4.35 -1.40
CA PHE A 84 -21.07 4.07 -0.26
C PHE A 84 -22.07 5.15 -0.13
N ILE A 85 -23.20 4.81 0.50
CA ILE A 85 -24.05 5.80 1.13
C ILE A 85 -23.50 5.93 2.53
N ASP A 86 -22.89 7.07 2.79
CA ASP A 86 -22.36 7.45 4.09
C ASP A 86 -23.41 7.47 5.18
N ARG A 87 -22.91 7.59 6.41
CA ARG A 87 -23.73 7.74 7.60
C ARG A 87 -24.81 8.85 7.46
N ASN A 88 -24.43 9.97 6.89
CA ASN A 88 -25.30 11.09 6.77
C ASN A 88 -26.18 10.96 5.50
N GLY A 89 -26.23 9.73 4.94
CA GLY A 89 -26.97 9.42 3.72
C GLY A 89 -26.54 10.04 2.40
N LYS A 90 -25.43 10.79 2.41
CA LYS A 90 -24.79 11.32 1.20
C LYS A 90 -23.92 10.16 0.58
N GLU A 91 -23.82 10.16 -0.77
CA GLU A 91 -22.96 9.25 -1.54
C GLU A 91 -21.50 9.68 -1.42
N VAL A 92 -20.62 8.71 -1.19
CA VAL A 92 -19.21 8.99 -1.03
C VAL A 92 -18.34 7.95 -1.80
N LEU A 93 -17.23 8.36 -2.40
CA LEU A 93 -16.32 7.34 -2.92
C LEU A 93 -15.19 7.13 -1.91
N LYS A 94 -15.13 5.97 -1.27
CA LYS A 94 -13.97 5.75 -0.41
C LYS A 94 -12.96 4.98 -1.21
N THR A 95 -11.84 5.63 -1.48
CA THR A 95 -10.86 5.11 -2.37
C THR A 95 -9.42 5.03 -1.83
N MET A 96 -8.70 4.03 -2.31
CA MET A 96 -7.27 4.07 -2.20
C MET A 96 -6.64 4.13 -3.57
N TRP A 97 -5.42 4.65 -3.65
CA TRP A 97 -4.76 4.95 -4.93
C TRP A 97 -3.29 4.60 -4.89
N LEU A 98 -2.73 4.29 -6.05
CA LEU A 98 -1.29 4.12 -6.19
C LEU A 98 -0.80 5.10 -7.29
N LEU A 99 0.31 5.79 -7.02
CA LEU A 99 0.88 6.79 -7.98
C LEU A 99 2.22 6.26 -8.39
N ARG A 100 2.25 5.89 -9.66
CA ARG A 100 3.42 5.28 -10.23
C ARG A 100 4.18 6.36 -11.03
N SER A 101 5.46 6.52 -10.75
CA SER A 101 6.38 7.46 -11.40
C SER A 101 7.11 6.67 -12.40
N SER A 102 7.55 7.33 -13.45
CA SER A 102 8.53 6.81 -14.34
C SER A 102 9.96 6.81 -13.74
N VAL A 103 10.65 5.70 -13.75
CA VAL A 103 12.07 5.76 -13.45
C VAL A 103 12.85 5.35 -14.67
N ASN A 104 14.13 5.73 -14.71
CA ASN A 104 14.92 5.56 -15.90
C ASN A 104 15.61 4.21 -15.93
N ASP A 105 15.97 3.70 -14.76
CA ASP A 105 16.59 2.38 -14.63
C ASP A 105 15.66 1.40 -13.91
N ILE A 106 15.71 0.12 -14.29
CA ILE A 106 14.94 -0.93 -13.59
C ILE A 106 15.38 -1.04 -12.09
N GLY A 107 16.60 -0.63 -11.78
CA GLY A 107 17.16 -0.75 -10.43
C GLY A 107 16.50 0.22 -9.49
N ASP A 108 15.73 1.13 -10.05
CA ASP A 108 15.06 2.12 -9.25
C ASP A 108 13.53 1.92 -9.17
N ASP A 109 13.01 0.90 -9.83
CA ASP A 109 11.61 0.50 -9.62
C ASP A 109 11.16 0.62 -8.15
N TRP A 110 12.03 0.30 -7.18
CA TRP A 110 11.63 0.19 -5.75
C TRP A 110 10.94 1.46 -5.20
N LYS A 111 11.38 2.59 -5.72
CA LYS A 111 11.03 3.84 -5.16
C LYS A 111 9.97 4.51 -6.01
N ALA A 112 9.54 3.83 -7.07
CA ALA A 112 8.65 4.48 -8.06
C ALA A 112 7.19 4.59 -7.68
N THR A 113 6.75 3.97 -6.57
CA THR A 113 5.31 3.92 -6.25
C THR A 113 4.88 4.51 -4.91
N ARG A 114 3.98 5.48 -4.94
CA ARG A 114 3.37 6.00 -3.72
C ARG A 114 1.92 5.48 -3.52
N VAL A 115 1.46 5.50 -2.28
CA VAL A 115 0.13 5.08 -1.92
C VAL A 115 -0.53 6.15 -1.03
N GLY A 116 -1.85 6.31 -1.20
CA GLY A 116 -2.63 7.05 -0.27
C GLY A 116 -4.10 6.70 -0.34
N ILE A 117 -4.90 7.53 0.31
CA ILE A 117 -6.27 7.28 0.46
C ILE A 117 -6.97 8.60 0.30
N ASN A 118 -8.14 8.60 -0.34
CA ASN A 118 -8.98 9.81 -0.47
C ASN A 118 -10.44 9.51 -0.49
N ILE A 119 -11.20 10.28 0.26
CA ILE A 119 -12.63 10.24 0.12
C ILE A 119 -12.99 11.23 -1.01
N PHE A 120 -13.90 10.85 -1.91
CA PHE A 120 -14.47 11.82 -2.82
C PHE A 120 -15.86 12.09 -2.41
N THR A 121 -16.27 13.32 -2.56
CA THR A 121 -17.63 13.65 -2.21
C THR A 121 -18.19 14.46 -3.32
N ARG A 122 -19.51 14.52 -3.42
CA ARG A 122 -20.16 15.09 -4.59
C ARG A 122 -20.01 16.62 -4.58
N LEU A 123 -19.52 17.16 -5.70
CA LEU A 123 -19.34 18.61 -5.84
C LEU A 123 -20.66 19.19 -6.33
N LYS B 3 9.20 1.45 -27.59
CA LYS B 3 9.55 0.02 -27.86
C LYS B 3 9.22 -0.98 -26.74
N CYS B 4 8.91 -0.53 -25.51
CA CYS B 4 8.29 -1.50 -24.52
C CYS B 4 6.80 -1.41 -24.70
N SER B 5 6.16 -2.51 -25.06
CA SER B 5 4.73 -2.40 -25.25
C SER B 5 4.02 -3.49 -24.45
N LEU B 6 2.79 -3.17 -24.10
CA LEU B 6 1.91 -3.94 -23.26
C LEU B 6 1.23 -5.13 -23.93
N THR B 7 1.10 -5.05 -25.26
CA THR B 7 0.28 -5.90 -26.08
C THR B 7 0.93 -7.23 -26.10
N GLY B 8 0.18 -8.28 -25.78
CA GLY B 8 0.77 -9.58 -25.64
C GLY B 8 0.05 -10.43 -24.64
N LYS B 9 0.70 -11.53 -24.30
CA LYS B 9 0.17 -12.49 -23.44
C LYS B 9 1.22 -12.60 -22.35
N TRP B 10 0.75 -12.57 -21.11
CA TRP B 10 1.60 -12.39 -19.99
C TRP B 10 1.21 -13.42 -18.95
N THR B 11 2.22 -13.76 -18.13
CA THR B 11 2.01 -14.52 -16.89
C THR B 11 2.75 -13.96 -15.64
N ASN B 12 2.36 -14.42 -14.49
CA ASN B 12 3.05 -14.05 -13.26
C ASN B 12 3.25 -15.29 -12.37
N ASP B 13 3.98 -15.11 -11.25
CA ASP B 13 4.36 -16.30 -10.40
C ASP B 13 3.18 -16.90 -9.64
N LEU B 14 2.01 -16.29 -9.74
CA LEU B 14 0.80 -16.86 -9.13
C LEU B 14 0.08 -17.79 -10.12
N GLY B 15 0.57 -17.81 -11.37
CA GLY B 15 -0.09 -18.54 -12.45
C GLY B 15 -1.32 -17.87 -13.09
N SER B 16 -1.41 -16.55 -13.00
CA SER B 16 -2.49 -15.83 -13.69
C SER B 16 -1.94 -15.56 -15.05
N ASN B 17 -2.79 -15.58 -16.07
CA ASN B 17 -2.35 -15.12 -17.36
C ASN B 17 -3.27 -14.01 -17.79
N MET B 18 -2.67 -13.07 -18.47
CA MET B 18 -3.36 -11.88 -18.83
C MET B 18 -3.13 -11.79 -20.33
N THR B 19 -4.06 -11.21 -21.09
CA THR B 19 -3.69 -10.78 -22.44
C THR B 19 -4.04 -9.34 -22.56
N ILE B 20 -3.27 -8.59 -23.33
CA ILE B 20 -3.66 -7.18 -23.55
C ILE B 20 -3.63 -6.98 -25.02
N GLY B 21 -4.66 -6.33 -25.58
CA GLY B 21 -4.67 -6.00 -27.01
C GLY B 21 -3.90 -4.75 -27.44
N ALA B 22 -4.15 -4.30 -28.67
CA ALA B 22 -3.50 -3.10 -29.21
C ALA B 22 -3.81 -1.90 -28.33
N VAL B 23 -2.84 -1.00 -28.26
CA VAL B 23 -2.95 0.24 -27.57
C VAL B 23 -3.15 1.33 -28.63
N ASN B 24 -4.26 2.07 -28.55
CA ASN B 24 -4.60 3.09 -29.55
C ASN B 24 -3.85 4.44 -29.35
N SER B 25 -4.06 5.39 -30.24
CA SER B 25 -3.33 6.66 -30.12
C SER B 25 -3.65 7.39 -28.80
N ARG B 26 -4.78 7.05 -28.18
CA ARG B 26 -5.23 7.69 -26.97
C ARG B 26 -4.65 6.90 -25.71
N GLY B 27 -3.76 5.95 -25.97
CA GLY B 27 -3.10 5.11 -24.94
C GLY B 27 -3.90 3.96 -24.31
N GLU B 28 -5.19 3.86 -24.68
CA GLU B 28 -6.13 2.84 -24.14
C GLU B 28 -5.97 1.39 -24.63
N PHE B 29 -6.23 0.44 -23.74
CA PHE B 29 -6.22 -0.96 -24.15
C PHE B 29 -7.27 -1.67 -23.38
N THR B 30 -7.61 -2.86 -23.89
CA THR B 30 -8.42 -3.81 -23.14
C THR B 30 -7.70 -5.15 -23.15
N GLY B 31 -8.05 -6.07 -22.26
CA GLY B 31 -7.30 -7.35 -22.16
C GLY B 31 -8.16 -8.35 -21.37
N THR B 32 -7.60 -9.51 -20.97
CA THR B 32 -8.41 -10.39 -20.17
C THR B 32 -7.45 -10.85 -19.08
N TYR B 33 -7.98 -11.50 -18.04
CA TYR B 33 -7.19 -11.91 -16.93
C TYR B 33 -7.79 -13.20 -16.50
N ILE B 34 -6.97 -14.25 -16.42
CA ILE B 34 -7.46 -15.56 -15.85
C ILE B 34 -6.57 -15.99 -14.66
N THR B 35 -7.17 -16.34 -13.53
CA THR B 35 -6.43 -16.59 -12.30
C THR B 35 -6.46 -18.07 -12.03
N ALA B 36 -5.59 -18.53 -11.14
CA ALA B 36 -5.61 -19.94 -10.79
C ALA B 36 -5.93 -19.98 -9.29
N VAL B 37 -5.59 -18.92 -8.56
CA VAL B 37 -5.92 -18.76 -7.13
C VAL B 37 -6.74 -17.46 -6.94
N THR B 38 -7.57 -17.42 -5.91
CA THR B 38 -8.39 -16.25 -5.64
C THR B 38 -8.52 -16.04 -4.14
N ALA B 39 -9.09 -14.91 -3.73
CA ALA B 39 -9.42 -14.64 -2.34
C ALA B 39 -10.84 -15.10 -2.03
N THR B 40 -11.56 -15.52 -3.07
CA THR B 40 -12.98 -15.89 -2.97
C THR B 40 -13.24 -17.41 -3.06
N SER B 41 -14.39 -17.87 -2.57
CA SER B 41 -14.79 -19.27 -2.76
C SER B 41 -15.54 -19.54 -4.08
N ASN B 42 -15.85 -18.49 -4.84
CA ASN B 42 -16.58 -18.65 -6.10
C ASN B 42 -15.75 -19.28 -7.21
N GLU B 43 -16.43 -19.95 -8.15
CA GLU B 43 -15.75 -20.53 -9.31
C GLU B 43 -15.05 -19.38 -10.10
N ILE B 44 -13.77 -19.54 -10.40
CA ILE B 44 -13.08 -18.63 -11.30
C ILE B 44 -13.71 -18.54 -12.72
N LYS B 45 -13.93 -17.32 -13.16
CA LYS B 45 -14.27 -17.05 -14.55
C LYS B 45 -13.18 -16.09 -15.07
N GLU B 46 -12.94 -16.09 -16.37
CA GLU B 46 -12.04 -15.15 -17.01
C GLU B 46 -12.62 -13.75 -16.83
N SER B 47 -11.76 -12.73 -16.74
CA SER B 47 -12.30 -11.40 -16.53
C SER B 47 -11.65 -10.39 -17.43
N PRO B 48 -12.44 -9.40 -17.80
CA PRO B 48 -12.00 -8.28 -18.60
C PRO B 48 -11.21 -7.24 -17.81
N LEU B 49 -10.31 -6.57 -18.51
CA LEU B 49 -9.53 -5.51 -17.90
C LEU B 49 -9.50 -4.33 -18.88
N HIS B 50 -9.36 -3.13 -18.32
CA HIS B 50 -9.31 -1.92 -19.13
C HIS B 50 -8.25 -1.03 -18.48
N GLY B 51 -7.37 -0.48 -19.30
CA GLY B 51 -6.48 0.58 -18.85
C GLY B 51 -5.86 1.49 -19.91
N THR B 52 -4.79 2.18 -19.52
CA THR B 52 -4.10 3.06 -20.41
C THR B 52 -2.66 2.96 -20.11
N GLN B 53 -1.84 3.15 -21.17
CA GLN B 53 -0.44 3.44 -20.99
C GLN B 53 -0.23 4.92 -21.17
N ASN B 54 0.73 5.47 -20.45
CA ASN B 54 1.04 6.90 -20.48
C ASN B 54 1.95 7.14 -21.71
N THR B 55 1.58 8.09 -22.54
CA THR B 55 2.34 8.33 -23.80
C THR B 55 3.07 9.68 -23.81
N ILE B 56 3.02 10.35 -22.68
CA ILE B 56 3.74 11.58 -22.55
C ILE B 56 5.24 11.41 -22.69
N ASN B 57 5.82 12.37 -23.41
CA ASN B 57 7.18 12.37 -23.98
C ASN B 57 7.54 11.06 -24.69
N LYS B 58 6.51 10.23 -24.95
CA LYS B 58 6.62 8.94 -25.71
C LYS B 58 7.76 8.02 -25.27
N ARG B 59 7.73 7.59 -24.02
CA ARG B 59 8.83 6.82 -23.45
C ARG B 59 8.88 5.39 -23.99
N THR B 60 10.08 4.84 -24.13
CA THR B 60 10.18 3.46 -24.52
C THR B 60 9.83 2.55 -23.34
N GLN B 61 9.69 3.11 -22.15
CA GLN B 61 9.38 2.33 -20.99
C GLN B 61 8.28 3.08 -20.28
N PRO B 62 7.05 3.03 -20.82
CA PRO B 62 6.06 3.87 -20.19
C PRO B 62 5.50 3.23 -18.91
N THR B 63 4.81 4.08 -18.18
CA THR B 63 4.00 3.62 -17.11
C THR B 63 2.61 3.31 -17.67
N PHE B 64 1.84 2.64 -16.82
CA PHE B 64 0.48 2.26 -17.13
C PHE B 64 -0.37 1.93 -15.88
N GLY B 65 -1.69 1.94 -16.05
CA GLY B 65 -2.53 1.37 -15.03
C GLY B 65 -3.62 0.60 -15.73
N PHE B 66 -4.12 -0.44 -15.07
CA PHE B 66 -5.40 -1.05 -15.52
C PHE B 66 -6.23 -1.57 -14.41
N THR B 67 -7.50 -1.80 -14.72
CA THR B 67 -8.49 -2.29 -13.76
C THR B 67 -9.02 -3.62 -14.24
N VAL B 68 -9.10 -4.61 -13.33
CA VAL B 68 -9.60 -5.92 -13.71
C VAL B 68 -11.03 -6.00 -13.17
N ASN B 69 -12.01 -6.12 -14.06
CA ASN B 69 -13.39 -6.12 -13.62
C ASN B 69 -13.78 -7.56 -13.23
N TRP B 70 -13.53 -7.99 -11.98
CA TRP B 70 -13.83 -9.41 -11.68
C TRP B 70 -15.23 -9.84 -12.03
N LYS B 71 -15.36 -10.97 -12.73
CA LYS B 71 -16.68 -11.56 -13.07
C LYS B 71 -17.10 -12.70 -12.14
N PHE B 72 -16.42 -12.88 -11.01
CA PHE B 72 -16.82 -14.04 -10.20
C PHE B 72 -16.76 -13.66 -8.76
N SER B 73 -16.57 -12.37 -8.50
CA SER B 73 -16.75 -11.83 -7.13
C SER B 73 -17.09 -10.38 -7.23
N GLU B 74 -17.36 -9.77 -6.09
CA GLU B 74 -17.81 -8.39 -6.11
C GLU B 74 -16.69 -7.36 -6.09
N SER B 75 -15.48 -7.89 -6.11
CA SER B 75 -14.21 -7.15 -6.03
C SER B 75 -13.77 -6.41 -7.29
N THR B 76 -12.84 -5.46 -7.10
CA THR B 76 -12.09 -4.85 -8.20
C THR B 76 -10.63 -4.90 -7.77
N THR B 77 -9.73 -5.20 -8.73
CA THR B 77 -8.29 -4.99 -8.56
C THR B 77 -7.80 -3.99 -9.61
N VAL B 78 -6.97 -3.04 -9.18
CA VAL B 78 -6.21 -2.14 -10.07
C VAL B 78 -4.72 -2.43 -10.04
N PHE B 79 -4.06 -2.30 -11.16
CA PHE B 79 -2.62 -2.56 -11.23
C PHE B 79 -2.02 -1.29 -11.81
N THR B 80 -0.86 -0.88 -11.30
CA THR B 80 -0.11 0.17 -11.95
C THR B 80 1.36 -0.21 -11.96
N GLY B 81 2.09 0.17 -13.00
CA GLY B 81 3.52 -0.03 -13.03
C GLY B 81 4.20 0.56 -14.25
N GLN B 82 5.33 -0.05 -14.58
CA GLN B 82 6.15 0.33 -15.71
C GLN B 82 6.62 -0.91 -16.54
N CYS B 83 6.63 -0.71 -17.85
CA CYS B 83 7.07 -1.68 -18.86
C CYS B 83 8.58 -1.48 -19.03
N PHE B 84 9.37 -2.49 -18.68
CA PHE B 84 10.81 -2.44 -18.82
C PHE B 84 11.21 -3.40 -19.90
N ILE B 85 12.12 -2.94 -20.76
CA ILE B 85 12.63 -3.75 -21.88
C ILE B 85 14.15 -3.69 -21.85
N ASP B 86 14.79 -4.85 -21.96
CA ASP B 86 16.24 -4.95 -21.82
C ASP B 86 17.01 -4.82 -23.15
N ARG B 87 18.26 -5.32 -23.12
CA ARG B 87 19.28 -5.15 -24.17
C ARG B 87 18.82 -5.90 -25.41
N ASN B 88 18.34 -7.12 -25.18
CA ASN B 88 17.87 -7.98 -26.25
C ASN B 88 16.35 -7.91 -26.60
N GLY B 89 15.61 -6.97 -26.02
CA GLY B 89 14.14 -6.88 -26.28
C GLY B 89 13.20 -7.66 -25.33
N LYS B 90 13.78 -8.35 -24.33
CA LYS B 90 13.04 -9.00 -23.22
C LYS B 90 12.18 -8.01 -22.37
N GLU B 91 10.86 -8.21 -22.39
CA GLU B 91 9.97 -7.29 -21.71
C GLU B 91 9.47 -7.85 -20.41
N VAL B 92 9.34 -6.95 -19.45
CA VAL B 92 8.82 -7.29 -18.13
C VAL B 92 7.94 -6.13 -17.67
N LEU B 93 6.82 -6.44 -17.02
CA LEU B 93 5.98 -5.38 -16.39
C LEU B 93 6.16 -5.49 -14.86
N LYS B 94 6.65 -4.41 -14.26
CA LYS B 94 6.88 -4.29 -12.80
C LYS B 94 5.64 -3.63 -12.30
N THR B 95 4.91 -4.32 -11.43
CA THR B 95 3.61 -3.75 -11.03
C THR B 95 3.36 -3.91 -9.56
N MET B 96 2.32 -3.23 -9.18
CA MET B 96 1.84 -3.19 -7.86
C MET B 96 0.37 -3.13 -8.01
N TRP B 97 -0.34 -3.64 -7.01
CA TRP B 97 -1.81 -3.73 -7.13
C TRP B 97 -2.49 -3.51 -5.82
N LEU B 98 -3.76 -3.12 -5.92
CA LEU B 98 -4.68 -3.01 -4.86
C LEU B 98 -5.88 -3.92 -5.17
N LEU B 99 -6.23 -4.84 -4.24
CA LEU B 99 -7.47 -5.69 -4.34
C LEU B 99 -8.50 -5.15 -3.40
N ARG B 100 -9.54 -4.53 -3.94
CA ARG B 100 -10.64 -3.98 -3.17
C ARG B 100 -11.80 -5.01 -3.08
N SER B 101 -12.06 -5.46 -1.84
CA SER B 101 -13.20 -6.36 -1.53
C SER B 101 -14.42 -5.46 -1.26
N SER B 102 -15.57 -6.09 -1.37
CA SER B 102 -16.82 -5.44 -1.08
C SER B 102 -17.13 -5.65 0.35
N VAL B 103 -17.45 -4.56 1.07
CA VAL B 103 -18.00 -4.69 2.42
C VAL B 103 -19.40 -4.02 2.53
N ASN B 104 -20.24 -4.63 3.41
CA ASN B 104 -21.65 -4.22 3.59
C ASN B 104 -21.84 -2.90 4.31
N ASP B 105 -21.11 -2.64 5.40
CA ASP B 105 -21.28 -1.37 6.16
C ASP B 105 -20.09 -0.42 5.88
N ILE B 106 -20.30 0.89 5.77
CA ILE B 106 -19.13 1.77 5.63
C ILE B 106 -18.10 1.63 6.82
N GLY B 107 -18.53 1.18 8.00
CA GLY B 107 -17.65 1.05 9.18
C GLY B 107 -16.59 -0.03 8.99
N ASP B 108 -16.88 -0.96 8.08
CA ASP B 108 -15.94 -1.97 7.64
C ASP B 108 -14.99 -1.61 6.48
N ASP B 109 -15.06 -0.37 5.95
CA ASP B 109 -14.19 0.11 4.85
C ASP B 109 -12.74 -0.16 5.11
N TRP B 110 -12.33 -0.05 6.38
CA TRP B 110 -10.92 -0.11 6.70
C TRP B 110 -10.19 -1.44 6.38
N LYS B 111 -10.93 -2.56 6.39
CA LYS B 111 -10.36 -3.87 6.15
C LYS B 111 -10.52 -4.36 4.73
N ALA B 112 -11.01 -3.49 3.85
CA ALA B 112 -11.43 -3.91 2.50
C ALA B 112 -10.35 -3.98 1.41
N THR B 113 -9.16 -3.44 1.69
CA THR B 113 -8.14 -3.32 0.63
C THR B 113 -6.82 -4.06 0.93
N ARG B 114 -6.44 -4.97 0.06
CA ARG B 114 -5.11 -5.64 0.18
C ARG B 114 -4.23 -5.09 -0.92
N VAL B 115 -2.95 -5.30 -0.75
CA VAL B 115 -2.04 -4.71 -1.63
C VAL B 115 -0.99 -5.74 -1.86
N GLY B 116 -0.48 -5.74 -3.09
CA GLY B 116 0.78 -6.47 -3.34
C GLY B 116 1.53 -5.96 -4.59
N ILE B 117 2.50 -6.78 -4.96
CA ILE B 117 3.31 -6.50 -6.04
C ILE B 117 3.35 -7.76 -6.94
N ASN B 118 3.46 -7.63 -8.26
CA ASN B 118 3.74 -8.79 -9.16
C ASN B 118 4.53 -8.32 -10.41
N ILE B 119 5.46 -9.16 -10.82
CA ILE B 119 6.11 -9.01 -12.10
C ILE B 119 5.36 -9.91 -13.13
N PHE B 120 5.05 -9.36 -14.28
CA PHE B 120 4.53 -10.11 -15.44
C PHE B 120 5.61 -10.26 -16.48
N THR B 121 5.71 -11.49 -16.98
CA THR B 121 6.63 -11.83 -18.04
C THR B 121 5.85 -12.44 -19.20
N ARG B 122 6.40 -12.26 -20.40
CA ARG B 122 5.87 -12.85 -21.64
C ARG B 122 5.50 -14.30 -21.59
N LEU B 123 4.35 -14.63 -22.17
CA LEU B 123 3.90 -16.02 -22.16
C LEU B 123 4.13 -16.60 -23.53
N ALA C 1 9.19 -30.07 10.22
CA ALA C 1 9.41 -28.61 10.02
C ALA C 1 10.47 -28.03 10.97
N ARG C 2 11.36 -27.17 10.44
CA ARG C 2 12.19 -26.29 11.27
C ARG C 2 11.29 -25.18 11.87
N LYS C 3 11.90 -24.32 12.64
CA LYS C 3 11.28 -23.12 13.10
C LYS C 3 11.98 -22.04 12.30
N CYS C 4 11.20 -21.04 11.86
CA CYS C 4 11.72 -19.94 11.04
C CYS C 4 12.06 -18.89 12.06
N SER C 5 13.34 -18.61 12.16
CA SER C 5 13.80 -17.69 13.17
C SER C 5 14.16 -16.38 12.51
N LEU C 6 13.95 -15.26 13.20
CA LEU C 6 14.29 -13.98 12.63
C LEU C 6 15.75 -13.62 12.81
N THR C 7 16.34 -14.28 13.80
CA THR C 7 17.63 -13.91 14.28
C THR C 7 18.64 -14.31 13.23
N GLY C 8 19.53 -13.41 12.87
CA GLY C 8 20.67 -13.78 12.06
C GLY C 8 20.95 -12.71 11.04
N LYS C 9 21.71 -13.05 10.02
CA LYS C 9 22.08 -12.02 9.03
C LYS C 9 21.29 -12.21 7.70
N TRP C 10 20.66 -11.15 7.18
CA TRP C 10 19.79 -11.30 5.99
C TRP C 10 20.20 -10.35 4.91
N THR C 11 19.84 -10.65 3.65
CA THR C 11 20.06 -9.72 2.50
C THR C 11 18.83 -9.65 1.53
N ASN C 12 18.76 -8.66 0.67
CA ASN C 12 17.64 -8.56 -0.32
C ASN C 12 18.13 -8.23 -1.78
N ASP C 13 17.25 -8.27 -2.81
CA ASP C 13 17.74 -7.96 -4.17
C ASP C 13 18.07 -6.46 -4.41
N LEU C 14 17.87 -5.65 -3.40
CA LEU C 14 18.40 -4.32 -3.47
C LEU C 14 19.87 -4.29 -3.00
N GLY C 15 20.37 -5.43 -2.50
CA GLY C 15 21.66 -5.54 -1.81
C GLY C 15 21.76 -4.83 -0.47
N SER C 16 20.63 -4.58 0.21
CA SER C 16 20.68 -4.15 1.63
C SER C 16 20.95 -5.37 2.46
N ASN C 17 21.60 -5.16 3.58
CA ASN C 17 21.94 -6.21 4.47
C ASN C 17 21.30 -5.87 5.78
N MET C 18 20.83 -6.83 6.53
CA MET C 18 20.28 -6.52 7.80
C MET C 18 20.61 -7.61 8.76
N THR C 19 20.90 -7.22 9.99
CA THR C 19 21.24 -8.19 10.99
C THR C 19 20.24 -8.10 12.13
N ILE C 20 19.64 -9.21 12.51
CA ILE C 20 18.77 -9.20 13.66
C ILE C 20 19.35 -10.05 14.81
N GLY C 21 19.24 -9.53 16.05
CA GLY C 21 19.70 -10.21 17.25
C GLY C 21 18.66 -11.17 17.82
N ALA C 22 18.94 -11.70 19.01
CA ALA C 22 18.03 -12.59 19.68
C ALA C 22 16.73 -11.89 19.84
N VAL C 23 15.71 -12.72 19.80
CA VAL C 23 14.36 -12.35 20.09
C VAL C 23 14.13 -12.70 21.57
N ASN C 24 13.70 -11.75 22.38
CA ASN C 24 13.48 -12.08 23.79
C ASN C 24 12.09 -12.70 24.03
N SER C 25 11.78 -13.12 25.26
CA SER C 25 10.50 -13.83 25.48
C SER C 25 9.31 -12.83 25.51
N ARG C 26 9.52 -11.61 25.10
CA ARG C 26 8.38 -10.84 24.78
C ARG C 26 8.23 -10.64 23.28
N GLY C 27 9.10 -11.27 22.48
CA GLY C 27 9.06 -11.16 21.04
C GLY C 27 9.89 -10.01 20.50
N GLU C 28 10.62 -9.28 21.33
CA GLU C 28 11.30 -8.10 20.88
C GLU C 28 12.64 -8.44 20.29
N PHE C 29 13.04 -7.72 19.26
CA PHE C 29 14.38 -7.88 18.83
C PHE C 29 14.88 -6.52 18.41
N THR C 30 16.18 -6.43 18.30
CA THR C 30 16.87 -5.24 17.82
C THR C 30 17.78 -5.70 16.69
N GLY C 31 18.18 -4.84 15.78
CA GLY C 31 19.22 -5.22 14.83
C GLY C 31 19.78 -3.98 14.14
N THR C 32 20.44 -4.19 12.99
CA THR C 32 20.98 -3.03 12.25
C THR C 32 20.61 -3.19 10.78
N TYR C 33 20.57 -2.09 10.02
CA TYR C 33 20.18 -2.13 8.63
C TYR C 33 21.14 -1.27 7.82
N ILE C 34 21.82 -1.86 6.84
CA ILE C 34 22.62 -1.06 5.86
C ILE C 34 22.07 -1.13 4.47
N THR C 35 21.62 0.01 4.03
CA THR C 35 21.04 0.11 2.72
C THR C 35 22.15 0.27 1.68
N ALA C 36 21.88 -0.20 0.46
CA ALA C 36 22.82 0.02 -0.64
C ALA C 36 22.46 1.30 -1.42
N VAL C 37 21.16 1.63 -1.48
CA VAL C 37 20.66 2.85 -2.16
C VAL C 37 19.69 3.60 -1.26
N THR C 38 19.21 4.74 -1.74
CA THR C 38 18.51 5.77 -0.95
C THR C 38 17.59 6.68 -1.85
N ALA C 39 16.51 7.20 -1.29
CA ALA C 39 15.63 8.10 -2.00
C ALA C 39 16.11 9.56 -1.89
N THR C 40 16.85 9.85 -0.80
CA THR C 40 17.32 11.21 -0.50
C THR C 40 18.59 11.62 -1.26
N SER C 41 18.92 12.92 -1.13
CA SER C 41 20.19 13.50 -1.60
C SER C 41 21.32 13.36 -0.56
N ASN C 42 21.23 12.35 0.31
CA ASN C 42 22.09 12.27 1.52
C ASN C 42 23.03 11.04 1.58
N GLU C 43 24.04 11.13 2.47
CA GLU C 43 25.04 10.06 2.62
C GLU C 43 24.37 9.00 3.47
N ILE C 44 24.56 7.73 3.06
CA ILE C 44 24.10 6.53 3.81
C ILE C 44 24.96 6.19 5.03
N LYS C 45 24.30 5.77 6.10
CA LYS C 45 24.96 5.17 7.28
C LYS C 45 24.14 3.96 7.70
N GLU C 46 24.77 2.95 8.29
CA GLU C 46 24.01 1.88 8.93
C GLU C 46 23.02 2.45 9.96
N SER C 47 21.87 1.79 10.12
CA SER C 47 20.86 2.25 11.03
C SER C 47 20.22 1.17 11.93
N PRO C 48 19.69 1.59 13.06
CA PRO C 48 19.09 0.59 13.94
C PRO C 48 17.67 0.31 13.57
N LEU C 49 17.25 -0.93 13.86
CA LEU C 49 15.87 -1.34 13.67
C LEU C 49 15.37 -1.97 14.97
N HIS C 50 14.07 -1.86 15.22
CA HIS C 50 13.53 -2.48 16.40
C HIS C 50 12.21 -3.01 15.99
N GLY C 51 11.89 -4.22 16.45
CA GLY C 51 10.56 -4.77 16.22
C GLY C 51 10.13 -5.93 17.10
N THR C 52 9.09 -6.65 16.68
CA THR C 52 8.56 -7.83 17.42
C THR C 52 8.13 -8.89 16.45
N GLN C 53 8.09 -10.11 16.97
CA GLN C 53 7.59 -11.25 16.28
C GLN C 53 6.34 -11.61 17.04
N ASN C 54 5.29 -11.96 16.33
CA ASN C 54 4.13 -12.39 17.03
C ASN C 54 4.35 -13.80 17.58
N THR C 55 4.14 -14.01 18.88
CA THR C 55 4.29 -15.35 19.43
C THR C 55 2.97 -16.08 19.81
N ILE C 56 1.84 -15.47 19.50
CA ILE C 56 0.53 -16.12 19.70
C ILE C 56 0.47 -17.49 19.00
N ASN C 57 0.17 -18.51 19.80
CA ASN C 57 0.14 -19.93 19.35
C ASN C 57 1.48 -20.48 19.01
N LYS C 58 2.53 -19.75 19.38
CA LYS C 58 3.91 -20.17 19.18
C LYS C 58 4.15 -20.76 17.80
N ARG C 59 3.68 -20.07 16.73
CA ARG C 59 3.76 -20.57 15.33
C ARG C 59 5.16 -20.66 14.85
N THR C 60 5.43 -21.58 13.92
CA THR C 60 6.79 -21.77 13.45
C THR C 60 7.15 -20.80 12.33
N GLN C 61 6.12 -20.22 11.68
CA GLN C 61 6.30 -19.19 10.65
C GLN C 61 5.58 -17.95 11.16
N PRO C 62 6.24 -17.19 12.00
CA PRO C 62 5.44 -16.17 12.64
C PRO C 62 5.36 -14.90 11.86
N THR C 63 4.38 -14.07 12.18
CA THR C 63 4.37 -12.78 11.55
C THR C 63 5.25 -11.95 12.40
N PHE C 64 5.72 -10.85 11.81
CA PHE C 64 6.47 -9.84 12.57
C PHE C 64 6.31 -8.45 11.98
N GLY C 65 6.89 -7.48 12.70
CA GLY C 65 7.06 -6.13 12.20
C GLY C 65 8.26 -5.46 12.86
N PHE C 66 8.88 -4.50 12.15
CA PHE C 66 10.01 -3.79 12.67
C PHE C 66 10.11 -2.38 12.08
N THR C 67 10.77 -1.49 12.79
CA THR C 67 10.87 -0.08 12.34
C THR C 67 12.31 0.21 12.04
N VAL C 68 12.59 0.85 10.92
CA VAL C 68 13.97 1.20 10.68
C VAL C 68 14.08 2.69 10.91
N ASN C 69 14.89 3.06 11.93
CA ASN C 69 15.05 4.45 12.34
C ASN C 69 16.22 5.03 11.56
N TRP C 70 16.04 5.42 10.31
CA TRP C 70 17.20 5.83 9.47
C TRP C 70 18.13 6.90 10.15
N LYS C 71 19.43 6.65 10.17
CA LYS C 71 20.32 7.54 10.89
C LYS C 71 20.95 8.55 9.93
N PHE C 72 20.44 8.70 8.71
CA PHE C 72 21.03 9.62 7.76
C PHE C 72 19.95 10.35 7.02
N SER C 73 18.71 10.18 7.45
CA SER C 73 17.68 11.03 6.92
C SER C 73 16.58 11.18 7.93
N GLU C 74 15.63 12.01 7.61
CA GLU C 74 14.49 12.30 8.47
C GLU C 74 13.39 11.24 8.31
N SER C 75 13.67 10.25 7.45
CA SER C 75 12.75 9.16 7.11
C SER C 75 12.62 8.07 8.14
N THR C 76 11.48 7.36 8.08
CA THR C 76 11.27 6.06 8.74
C THR C 76 10.71 4.98 7.78
N THR C 77 11.28 3.77 7.75
CA THR C 77 10.61 2.65 7.12
C THR C 77 10.05 1.72 8.16
N VAL C 78 8.85 1.19 7.96
CA VAL C 78 8.39 0.03 8.70
C VAL C 78 8.22 -1.19 7.79
N PHE C 79 8.60 -2.37 8.26
CA PHE C 79 8.47 -3.57 7.50
C PHE C 79 7.48 -4.44 8.26
N THR C 80 6.66 -5.18 7.52
CA THR C 80 5.94 -6.24 8.18
C THR C 80 5.79 -7.48 7.29
N GLY C 81 5.78 -8.66 7.88
CA GLY C 81 5.65 -9.81 7.01
C GLY C 81 5.61 -11.09 7.79
N GLN C 82 5.98 -12.17 7.12
CA GLN C 82 6.03 -13.48 7.78
C GLN C 82 7.38 -14.20 7.47
N CYS C 83 7.93 -14.88 8.47
CA CYS C 83 9.14 -15.76 8.35
C CYS C 83 8.66 -17.16 7.91
N PHE C 84 8.97 -17.55 6.66
CA PHE C 84 8.47 -18.79 6.10
C PHE C 84 9.61 -19.76 5.91
N ILE C 85 9.34 -21.07 6.07
CA ILE C 85 10.21 -22.11 5.49
C ILE C 85 9.73 -22.28 4.05
N ASP C 86 10.53 -21.86 3.14
CA ASP C 86 10.14 -21.89 1.74
C ASP C 86 10.03 -23.36 1.26
N ARG C 87 9.58 -23.52 0.00
CA ARG C 87 9.48 -24.87 -0.61
C ARG C 87 10.80 -25.69 -0.60
N ASN C 88 11.93 -25.00 -0.71
CA ASN C 88 13.23 -25.58 -0.84
C ASN C 88 13.91 -25.72 0.53
N GLY C 89 13.12 -25.50 1.59
CA GLY C 89 13.57 -25.65 2.95
C GLY C 89 14.35 -24.50 3.50
N LYS C 90 14.54 -23.42 2.75
CA LYS C 90 15.22 -22.28 3.29
C LYS C 90 14.20 -21.39 4.04
N GLU C 91 14.68 -20.66 5.06
CA GLU C 91 13.92 -19.62 5.72
C GLU C 91 13.97 -18.41 4.82
N VAL C 92 12.82 -17.74 4.69
CA VAL C 92 12.74 -16.53 3.91
C VAL C 92 11.84 -15.57 4.68
N LEU C 93 12.16 -14.29 4.70
CA LEU C 93 11.30 -13.33 5.27
C LEU C 93 10.47 -12.78 4.11
N LYS C 94 9.17 -13.01 4.06
CA LYS C 94 8.37 -12.27 3.08
C LYS C 94 7.87 -10.95 3.67
N THR C 95 8.32 -9.82 3.15
CA THR C 95 7.91 -8.54 3.71
C THR C 95 7.30 -7.55 2.76
N MET C 96 6.50 -6.67 3.33
CA MET C 96 6.16 -5.45 2.73
C MET C 96 6.59 -4.30 3.61
N TRP C 97 6.84 -3.16 2.99
CA TRP C 97 7.28 -1.93 3.73
C TRP C 97 6.57 -0.66 3.30
N LEU C 98 6.55 0.29 4.23
CA LEU C 98 6.16 1.66 4.03
C LEU C 98 7.35 2.60 4.30
N LEU C 99 7.73 3.43 3.32
CA LEU C 99 8.83 4.42 3.50
C LEU C 99 8.20 5.77 3.68
N ARG C 100 8.32 6.38 4.88
CA ARG C 100 7.66 7.67 5.12
C ARG C 100 8.72 8.77 5.09
N SER C 101 8.64 9.67 4.13
CA SER C 101 9.52 10.82 4.02
C SER C 101 8.95 11.93 4.88
N SER C 102 9.83 12.84 5.30
CA SER C 102 9.33 13.99 6.01
C SER C 102 8.96 15.12 5.09
N VAL C 103 7.77 15.67 5.34
CA VAL C 103 7.29 16.80 4.59
C VAL C 103 7.15 18.02 5.50
N ASN C 104 7.39 19.21 4.95
CA ASN C 104 7.37 20.45 5.75
C ASN C 104 5.96 20.87 6.16
N ASP C 105 4.95 20.67 5.29
CA ASP C 105 3.57 21.16 5.56
C ASP C 105 2.59 19.98 5.48
N ILE C 106 1.61 19.96 6.38
CA ILE C 106 0.64 18.87 6.44
C ILE C 106 -0.15 18.71 5.14
N GLY C 107 0.06 19.63 4.20
CA GLY C 107 -0.80 19.73 3.04
C GLY C 107 -0.13 18.89 2.00
N ASP C 108 1.13 18.55 2.29
CA ASP C 108 1.91 17.59 1.47
C ASP C 108 1.98 16.13 1.99
N ASP C 109 1.15 15.80 2.98
CA ASP C 109 1.18 14.47 3.61
C ASP C 109 0.81 13.42 2.57
N TRP C 110 -0.07 13.78 1.64
CA TRP C 110 -0.58 12.82 0.65
C TRP C 110 0.51 12.10 -0.11
N LYS C 111 1.63 12.79 -0.33
CA LYS C 111 2.71 12.19 -1.10
C LYS C 111 3.94 11.68 -0.34
N ALA C 112 3.90 11.71 0.99
CA ALA C 112 5.05 11.33 1.81
C ALA C 112 5.31 9.85 1.94
N THR C 113 4.51 8.96 1.32
CA THR C 113 4.61 7.50 1.66
C THR C 113 4.76 6.61 0.40
N ARG C 114 5.85 5.91 0.32
CA ARG C 114 6.01 4.92 -0.71
C ARG C 114 5.83 3.53 -0.12
N VAL C 115 5.44 2.59 -0.98
CA VAL C 115 5.26 1.22 -0.54
C VAL C 115 6.05 0.31 -1.47
N GLY C 116 6.49 -0.80 -0.89
CA GLY C 116 7.03 -1.85 -1.71
C GLY C 116 7.04 -3.18 -0.96
N ILE C 117 7.70 -4.10 -1.62
CA ILE C 117 7.75 -5.46 -1.22
C ILE C 117 9.18 -5.91 -1.26
N ASN C 118 9.66 -6.70 -0.30
CA ASN C 118 10.98 -7.36 -0.43
C ASN C 118 11.09 -8.76 0.21
N ILE C 119 11.69 -9.63 -0.51
CA ILE C 119 12.08 -10.87 0.08
C ILE C 119 13.47 -10.70 0.74
N PHE C 120 13.60 -11.20 1.95
CA PHE C 120 14.91 -11.33 2.60
C PHE C 120 15.31 -12.81 2.68
N THR C 121 16.56 -13.03 2.37
CA THR C 121 17.11 -14.37 2.40
C THR C 121 18.40 -14.36 3.23
N ARG C 122 18.73 -15.46 3.86
CA ARG C 122 19.94 -15.54 4.72
C ARG C 122 21.27 -15.26 4.00
N LEU C 123 22.08 -14.36 4.55
CA LEU C 123 23.32 -14.04 3.86
C LEU C 123 24.36 -15.00 4.38
N LYS D 3 9.08 19.86 19.64
CA LYS D 3 7.76 20.56 19.70
C LYS D 3 6.61 19.52 19.58
N CYS D 4 6.48 18.81 18.45
CA CYS D 4 5.44 17.72 18.27
C CYS D 4 5.90 16.43 18.89
N SER D 5 5.07 15.86 19.75
CA SER D 5 5.51 14.74 20.55
C SER D 5 4.55 13.55 20.52
N LEU D 6 5.10 12.35 20.51
CA LEU D 6 4.30 11.18 20.36
C LEU D 6 3.67 10.71 21.67
N THR D 7 4.34 11.09 22.78
CA THR D 7 3.93 10.75 24.16
C THR D 7 2.52 11.26 24.43
N GLY D 8 1.62 10.40 24.89
CA GLY D 8 0.24 10.82 25.05
C GLY D 8 -0.71 9.67 24.91
N LYS D 9 -1.99 9.97 25.09
CA LYS D 9 -3.07 9.11 24.79
C LYS D 9 -3.65 9.72 23.54
N TRP D 10 -4.10 8.85 22.65
CA TRP D 10 -4.47 9.22 21.30
C TRP D 10 -5.64 8.33 20.93
N THR D 11 -6.44 8.75 19.94
CA THR D 11 -7.56 7.94 19.40
C THR D 11 -7.68 8.12 17.86
N ASN D 12 -8.50 7.26 17.28
CA ASN D 12 -8.79 7.34 15.87
C ASN D 12 -10.28 7.11 15.60
N ASP D 13 -10.67 7.21 14.33
CA ASP D 13 -12.06 7.13 13.93
C ASP D 13 -12.61 5.71 13.95
N LEU D 14 -11.76 4.70 14.17
CA LEU D 14 -12.24 3.33 14.32
C LEU D 14 -12.57 3.11 15.80
N GLY D 15 -12.18 4.06 16.65
CA GLY D 15 -12.46 3.93 18.06
C GLY D 15 -11.40 3.12 18.78
N SER D 16 -10.17 3.15 18.29
CA SER D 16 -9.03 2.58 19.02
C SER D 16 -8.34 3.65 19.88
N ASN D 17 -7.86 3.28 21.05
CA ASN D 17 -7.08 4.18 21.88
C ASN D 17 -5.68 3.60 22.00
N MET D 18 -4.72 4.49 21.94
CA MET D 18 -3.34 4.13 21.95
C MET D 18 -2.71 5.05 22.98
N THR D 19 -1.78 4.53 23.78
CA THR D 19 -0.96 5.40 24.59
C THR D 19 0.44 5.11 24.19
N ILE D 20 1.26 6.16 24.10
CA ILE D 20 2.67 5.99 23.93
C ILE D 20 3.34 6.70 25.13
N GLY D 21 4.36 6.10 25.72
CA GLY D 21 5.09 6.62 26.84
C GLY D 21 6.18 7.55 26.33
N ALA D 22 7.19 7.85 27.18
CA ALA D 22 8.26 8.75 26.89
C ALA D 22 9.17 8.26 25.80
N VAL D 23 9.80 9.19 25.08
CA VAL D 23 10.66 8.91 24.00
C VAL D 23 12.09 9.13 24.46
N ASN D 24 12.88 8.06 24.50
CA ASN D 24 14.21 8.10 25.06
C ASN D 24 15.25 8.75 24.11
N SER D 25 16.48 8.98 24.58
CA SER D 25 17.46 9.72 23.75
C SER D 25 17.68 9.08 22.34
N ARG D 26 17.61 7.74 22.28
CA ARG D 26 17.73 6.97 21.03
C ARG D 26 16.49 7.03 20.09
N GLY D 27 15.46 7.78 20.52
CA GLY D 27 14.20 7.83 19.79
C GLY D 27 13.15 6.74 20.03
N GLU D 28 13.41 5.82 20.94
CA GLU D 28 12.54 4.68 21.21
C GLU D 28 11.36 4.96 22.14
N PHE D 29 10.27 4.21 21.93
CA PHE D 29 9.11 4.30 22.86
C PHE D 29 8.36 2.98 22.91
N THR D 30 7.53 2.85 23.93
CA THR D 30 6.61 1.75 24.01
C THR D 30 5.22 2.34 24.27
N GLY D 31 4.21 1.52 24.19
CA GLY D 31 2.86 2.02 24.25
C GLY D 31 1.89 0.87 24.32
N THR D 32 0.59 1.16 24.31
CA THR D 32 -0.41 0.10 24.34
C THR D 32 -1.42 0.47 23.26
N TYR D 33 -2.19 -0.49 22.81
CA TYR D 33 -3.16 -0.28 21.74
C TYR D 33 -4.37 -1.14 22.07
N ILE D 34 -5.53 -0.52 22.19
CA ILE D 34 -6.69 -1.25 22.49
C ILE D 34 -7.65 -0.97 21.36
N THR D 35 -8.39 -2.00 20.99
CA THR D 35 -9.19 -1.91 19.81
C THR D 35 -10.66 -2.16 20.12
N ALA D 36 -11.51 -1.81 19.16
CA ALA D 36 -12.94 -2.02 19.32
C ALA D 36 -13.44 -2.84 18.15
N VAL D 37 -12.74 -2.74 17.02
CA VAL D 37 -13.05 -3.56 15.82
C VAL D 37 -11.78 -4.34 15.37
N THR D 38 -11.97 -5.47 14.73
CA THR D 38 -10.87 -6.33 14.39
C THR D 38 -11.17 -7.04 13.08
N ALA D 39 -10.17 -7.80 12.59
CA ALA D 39 -10.34 -8.68 11.43
C ALA D 39 -10.43 -10.13 11.86
N THR D 40 -10.71 -10.34 13.14
CA THR D 40 -10.76 -11.68 13.73
C THR D 40 -12.01 -11.86 14.60
N SER D 41 -12.27 -13.11 14.98
CA SER D 41 -13.40 -13.43 15.89
C SER D 41 -12.94 -13.54 17.30
N ASN D 42 -11.61 -13.57 17.51
CA ASN D 42 -11.06 -13.72 18.86
C ASN D 42 -11.40 -12.50 19.73
N GLU D 43 -11.47 -12.70 21.06
CA GLU D 43 -11.83 -11.60 21.97
C GLU D 43 -10.67 -10.64 22.01
N ILE D 44 -10.98 -9.35 21.92
CA ILE D 44 -10.02 -8.25 21.99
C ILE D 44 -9.23 -8.20 23.33
N LYS D 45 -7.90 -8.12 23.25
CA LYS D 45 -7.07 -7.84 24.43
C LYS D 45 -6.27 -6.57 24.12
N GLU D 46 -5.82 -5.84 25.14
CA GLU D 46 -4.87 -4.74 24.96
C GLU D 46 -3.61 -5.36 24.38
N SER D 47 -2.94 -4.72 23.41
CA SER D 47 -1.66 -5.28 22.94
C SER D 47 -0.64 -4.21 23.09
N PRO D 48 0.63 -4.58 23.30
CA PRO D 48 1.74 -3.66 23.42
C PRO D 48 2.27 -3.21 22.02
N LEU D 49 3.04 -2.09 21.99
CA LEU D 49 3.59 -1.59 20.77
C LEU D 49 4.93 -1.04 21.05
N HIS D 50 5.82 -1.11 20.06
CA HIS D 50 7.20 -0.51 20.13
C HIS D 50 7.58 0.15 18.81
N GLY D 51 8.35 1.21 18.91
CA GLY D 51 8.77 1.95 17.77
C GLY D 51 9.77 3.02 18.15
N THR D 52 10.02 3.89 17.18
CA THR D 52 11.04 4.90 17.25
C THR D 52 10.57 6.13 16.51
N GLN D 53 10.94 7.31 17.02
CA GLN D 53 10.75 8.50 16.24
C GLN D 53 12.09 8.94 15.71
N ASN D 54 12.12 9.30 14.45
CA ASN D 54 13.36 9.77 13.90
C ASN D 54 13.81 11.10 14.58
N THR D 55 15.08 11.16 14.96
CA THR D 55 15.60 12.40 15.62
C THR D 55 16.54 13.22 14.73
N ILE D 56 16.71 12.82 13.47
CA ILE D 56 17.69 13.49 12.63
C ILE D 56 17.25 14.91 12.34
N ASN D 57 18.26 15.80 12.35
CA ASN D 57 18.10 17.26 12.32
C ASN D 57 17.14 17.77 13.40
N LYS D 58 16.92 16.97 14.44
CA LYS D 58 16.15 17.41 15.60
C LYS D 58 14.78 18.06 15.26
N ARG D 59 14.14 17.58 14.19
CA ARG D 59 12.85 18.15 13.70
C ARG D 59 11.72 18.25 14.73
N THR D 60 10.81 19.17 14.45
CA THR D 60 9.68 19.42 15.31
C THR D 60 8.42 18.72 14.81
N GLN D 61 8.44 18.26 13.56
CA GLN D 61 7.34 17.38 13.17
C GLN D 61 8.05 16.07 12.71
N PRO D 62 8.40 15.19 13.69
CA PRO D 62 9.22 14.06 13.34
C PRO D 62 8.37 13.00 12.59
N THR D 63 9.04 12.20 11.77
CA THR D 63 8.43 10.96 11.29
C THR D 63 8.68 9.90 12.35
N PHE D 64 8.00 8.77 12.26
CA PHE D 64 8.11 7.65 13.19
C PHE D 64 7.52 6.41 12.59
N GLY D 65 7.84 5.27 13.20
CA GLY D 65 7.17 4.04 12.93
C GLY D 65 6.97 3.23 14.18
N PHE D 66 5.91 2.44 14.22
CA PHE D 66 5.85 1.43 15.27
C PHE D 66 5.15 0.17 14.91
N THR D 67 5.38 -0.87 15.70
CA THR D 67 4.77 -2.16 15.44
C THR D 67 3.84 -2.50 16.56
N VAL D 68 2.65 -2.99 16.24
CA VAL D 68 1.72 -3.34 17.26
C VAL D 68 1.71 -4.87 17.36
N ASN D 69 2.01 -5.38 18.54
CA ASN D 69 2.21 -6.82 18.66
C ASN D 69 0.92 -7.48 19.17
N TRP D 70 0.02 -7.83 18.26
CA TRP D 70 -1.31 -8.32 18.69
C TRP D 70 -1.26 -9.50 19.66
N LYS D 71 -2.07 -9.42 20.71
CA LYS D 71 -2.09 -10.47 21.77
C LYS D 71 -3.28 -11.39 21.62
N PHE D 72 -4.15 -11.08 20.64
CA PHE D 72 -5.39 -11.79 20.43
C PHE D 72 -5.50 -12.40 19.04
N SER D 73 -4.44 -12.29 18.24
CA SER D 73 -4.39 -12.97 16.92
C SER D 73 -2.98 -13.28 16.53
N GLU D 74 -2.75 -13.92 15.41
CA GLU D 74 -1.38 -14.17 15.02
C GLU D 74 -0.72 -13.07 14.14
N SER D 75 -1.48 -11.98 13.93
CA SER D 75 -1.15 -10.91 12.97
C SER D 75 -0.24 -9.90 13.61
N THR D 76 0.27 -8.96 12.80
CA THR D 76 1.14 -7.87 13.26
C THR D 76 0.74 -6.66 12.40
N THR D 77 0.58 -5.51 13.03
CA THR D 77 0.37 -4.33 12.29
C THR D 77 1.55 -3.40 12.48
N VAL D 78 2.01 -2.78 11.41
CA VAL D 78 3.03 -1.70 11.53
C VAL D 78 2.39 -0.32 11.15
N PHE D 79 2.86 0.80 11.76
CA PHE D 79 2.35 2.11 11.41
C PHE D 79 3.55 3.04 11.15
N THR D 80 3.39 3.95 10.21
CA THR D 80 4.41 4.94 9.96
C THR D 80 3.73 6.20 9.52
N GLY D 81 4.30 7.32 9.88
CA GLY D 81 3.58 8.57 9.75
C GLY D 81 4.46 9.68 10.19
N GLN D 82 3.81 10.83 10.40
CA GLN D 82 4.50 12.00 10.89
C GLN D 82 3.63 12.82 11.87
N CYS D 83 4.26 13.29 12.96
CA CYS D 83 3.56 14.03 13.99
C CYS D 83 3.48 15.49 13.52
N PHE D 84 2.28 16.01 13.29
CA PHE D 84 2.03 17.42 12.92
C PHE D 84 1.39 18.25 14.04
N ILE D 85 1.96 19.41 14.29
CA ILE D 85 1.46 20.32 15.34
C ILE D 85 1.10 21.69 14.72
N ASP D 86 -0.01 22.30 15.14
CA ASP D 86 -0.28 23.68 14.71
C ASP D 86 0.29 24.76 15.67
N ARG D 87 -0.20 26.00 15.61
CA ARG D 87 0.42 27.09 16.41
C ARG D 87 -0.24 27.19 17.78
N ASN D 88 -1.45 26.61 17.83
CA ASN D 88 -2.15 26.36 19.08
C ASN D 88 -1.63 25.14 19.85
N GLY D 89 -0.76 24.37 19.19
CA GLY D 89 -0.20 23.14 19.76
C GLY D 89 -1.17 21.97 19.65
N LYS D 90 -2.11 22.03 18.70
CA LYS D 90 -2.94 20.86 18.39
C LYS D 90 -2.08 19.84 17.63
N GLU D 91 -1.95 18.64 18.19
CA GLU D 91 -1.12 17.58 17.57
C GLU D 91 -2.04 16.58 16.93
N VAL D 92 -1.56 16.05 15.82
CA VAL D 92 -2.27 15.10 15.01
C VAL D 92 -1.21 14.09 14.53
N LEU D 93 -1.52 12.81 14.52
CA LEU D 93 -0.56 11.81 13.92
C LEU D 93 -1.12 11.34 12.59
N LYS D 94 -0.45 11.66 11.48
CA LYS D 94 -0.92 11.22 10.15
C LYS D 94 -0.16 9.94 9.88
N THR D 95 -0.86 8.81 9.91
CA THR D 95 -0.30 7.48 9.62
C THR D 95 -0.93 6.68 8.47
N MET D 96 -0.13 5.76 7.96
CA MET D 96 -0.55 4.64 7.16
C MET D 96 -0.09 3.37 7.86
N TRP D 97 -0.78 2.26 7.58
CA TRP D 97 -0.43 1.03 8.29
C TRP D 97 -0.56 -0.12 7.36
N LEU D 98 0.13 -1.18 7.76
CA LEU D 98 0.04 -2.44 7.08
C LEU D 98 -0.25 -3.50 8.15
N LEU D 99 -1.27 -4.35 7.88
CA LEU D 99 -1.75 -5.40 8.77
C LEU D 99 -1.48 -6.69 8.14
N ARG D 100 -0.50 -7.40 8.67
CA ARG D 100 -0.08 -8.65 8.09
C ARG D 100 -0.83 -9.77 8.81
N SER D 101 -1.63 -10.56 8.09
CA SER D 101 -2.16 -11.81 8.63
C SER D 101 -1.14 -12.95 8.51
N SER D 102 -1.37 -13.96 9.32
CA SER D 102 -0.62 -15.18 9.27
C SER D 102 -1.25 -16.01 8.18
N VAL D 103 -0.47 -16.57 7.28
CA VAL D 103 -1.01 -17.63 6.41
C VAL D 103 -0.26 -18.99 6.65
N ASN D 104 -1.01 -20.08 6.49
CA ASN D 104 -0.44 -21.39 6.76
C ASN D 104 0.54 -21.79 5.65
N ASP D 105 0.27 -21.45 4.39
CA ASP D 105 1.20 -21.82 3.29
C ASP D 105 1.74 -20.59 2.56
N ILE D 106 3.03 -20.61 2.21
CA ILE D 106 3.67 -19.56 1.44
C ILE D 106 3.03 -19.14 0.09
N GLY D 107 2.26 -20.01 -0.55
CA GLY D 107 1.62 -19.68 -1.83
C GLY D 107 0.43 -18.78 -1.54
N ASP D 108 0.08 -18.62 -0.26
CA ASP D 108 -0.94 -17.66 0.13
C ASP D 108 -0.39 -16.28 0.56
N ASP D 109 0.93 -16.11 0.57
CA ASP D 109 1.51 -14.87 1.02
C ASP D 109 0.86 -13.66 0.36
N TRP D 110 0.53 -13.79 -0.94
CA TRP D 110 -0.01 -12.64 -1.70
C TRP D 110 -1.19 -11.93 -1.11
N LYS D 111 -2.06 -12.65 -0.42
CA LYS D 111 -3.32 -12.09 0.11
C LYS D 111 -3.29 -11.77 1.58
N ALA D 112 -2.10 -11.90 2.21
CA ALA D 112 -1.96 -11.70 3.65
C ALA D 112 -1.85 -10.26 4.15
N THR D 113 -1.67 -9.27 3.26
CA THR D 113 -1.33 -7.88 3.69
C THR D 113 -2.43 -6.86 3.35
N ARG D 114 -3.01 -6.25 4.37
CA ARG D 114 -4.02 -5.23 4.08
C ARG D 114 -3.39 -3.89 4.39
N VAL D 115 -3.84 -2.84 3.73
CA VAL D 115 -3.22 -1.50 3.91
C VAL D 115 -4.35 -0.52 4.15
N GLY D 116 -4.02 0.53 4.89
CA GLY D 116 -4.94 1.65 5.10
C GLY D 116 -4.26 2.84 5.78
N ILE D 117 -5.03 3.91 5.96
CA ILE D 117 -4.50 5.06 6.64
C ILE D 117 -5.36 5.39 7.87
N ASN D 118 -4.71 5.91 8.91
CA ASN D 118 -5.45 6.46 10.06
C ASN D 118 -4.83 7.73 10.62
N ILE D 119 -5.68 8.71 10.88
CA ILE D 119 -5.18 9.87 11.63
C ILE D 119 -5.46 9.63 13.16
N PHE D 120 -4.47 9.98 13.97
CA PHE D 120 -4.71 9.90 15.42
C PHE D 120 -4.75 11.30 15.94
N THR D 121 -5.74 11.51 16.80
CA THR D 121 -5.95 12.74 17.57
C THR D 121 -5.71 12.58 19.09
N ARG D 122 -5.36 13.66 19.75
CA ARG D 122 -5.25 13.71 21.23
C ARG D 122 -6.53 13.18 21.91
N LEU D 123 -6.42 12.28 22.86
CA LEU D 123 -7.65 11.80 23.54
C LEU D 123 -7.63 12.26 25.01
#